data_6IUE
#
_entry.id   6IUE
#
_cell.length_a   59.929
_cell.length_b   28.215
_cell.length_c   88.844
_cell.angle_alpha   90.000
_cell.angle_beta   94.970
_cell.angle_gamma   90.000
#
_symmetry.space_group_name_H-M   'P 1 21 1'
#
loop_
_entity.id
_entity.type
_entity.pdbx_description
1 polymer "DNA (5'-D(*TP*TP*TP*GP*C)-3')"
2 non-polymer 'MERCURY (II) ION'
3 water water
#
_entity_poly.entity_id   1
_entity_poly.type   'polydeoxyribonucleotide'
_entity_poly.pdbx_seq_one_letter_code
;(DT)(DT)(DT)(DG)(DC)
;
_entity_poly.pdbx_strand_id   A,M,B,N,C,O,D,P,E,Q,F,R,G,T,H,U,I,V,J,W,K,X,L,Y
#